data_7HGT
#
_entry.id   7HGT
#
_cell.length_a   41.600
_cell.length_b   42.220
_cell.length_c   158.910
_cell.angle_alpha   90.00
_cell.angle_beta   90.00
_cell.angle_gamma   90.00
#
_symmetry.space_group_name_H-M   'P 21 21 21'
#
loop_
_entity.id
_entity.type
_entity.pdbx_description
1 polymer 'Hepatoma-derived growth factor-related protein 2'
2 non-polymer 'SULFATE ION'
3 non-polymer 1,2-ETHANEDIOL
4 non-polymer (2S,5R)-4-[(5-chloro-1,2,3-thiadiazol-4-yl)methyl]-2,5-dimethylmorpholine
5 water water
#
_entity_poly.entity_id   1
_entity_poly.type   'polypeptide(L)'
_entity_poly.pdbx_seq_one_letter_code
;GMPHAFKPGDLVFAKMKGYPHWPARIDDIADGAVKPPPNKYPIFFFGTHETAFLGPKDLFPYDKSKDKYGKPNKRKGFNE
GLWEIQNNPHASYS
;
_entity_poly.pdbx_strand_id   A,B,C
#
loop_
_chem_comp.id
_chem_comp.type
_chem_comp.name
_chem_comp.formula
A1A3R non-polymer (2S,5R)-4-[(5-chloro-1,2,3-thiadiazol-4-yl)methyl]-2,5-dimethylmorpholine 'C9 H14 Cl N3 O S'
EDO non-polymer 1,2-ETHANEDIOL 'C2 H6 O2'
SO4 non-polymer 'SULFATE ION' 'O4 S -2'
#
# COMPACT_ATOMS: atom_id res chain seq x y z
N MET A 2 20.46 -13.61 13.89
CA MET A 2 20.53 -12.27 14.53
C MET A 2 19.87 -11.23 13.62
N PRO A 3 19.26 -10.17 14.20
CA PRO A 3 18.63 -9.09 13.45
C PRO A 3 19.53 -8.33 12.47
N HIS A 4 18.94 -7.90 11.36
CA HIS A 4 19.60 -6.98 10.45
C HIS A 4 18.99 -5.62 10.74
N ALA A 5 19.51 -4.59 10.08
CA ALA A 5 18.78 -3.32 10.02
C ALA A 5 17.47 -3.50 9.27
N PHE A 6 16.57 -2.55 9.54
CA PHE A 6 15.33 -2.45 8.82
C PHE A 6 15.59 -2.29 7.32
N LYS A 7 14.73 -2.96 6.54
CA LYS A 7 14.77 -2.79 5.09
C LYS A 7 13.34 -2.67 4.54
N PRO A 8 13.16 -2.10 3.32
CA PRO A 8 11.84 -2.01 2.71
C PRO A 8 11.17 -3.38 2.68
N GLY A 9 9.88 -3.42 3.00
CA GLY A 9 9.16 -4.68 3.00
C GLY A 9 9.01 -5.28 4.40
N ASP A 10 9.90 -4.88 5.34
CA ASP A 10 9.70 -5.36 6.70
C ASP A 10 8.36 -4.92 7.30
N LEU A 11 7.73 -5.81 8.10
CA LEU A 11 6.41 -5.56 8.69
C LEU A 11 6.67 -5.25 10.17
N VAL A 12 5.90 -4.30 10.69
CA VAL A 12 6.13 -3.75 12.02
C VAL A 12 4.82 -3.35 12.66
N PHE A 13 4.86 -3.13 13.99
CA PHE A 13 3.91 -2.18 14.54
C PHE A 13 4.71 -0.91 14.76
N ALA A 14 4.12 0.24 14.38
CA ALA A 14 4.84 1.51 14.48
C ALA A 14 4.16 2.39 15.51
N LYS A 15 4.96 3.05 16.37
CA LYS A 15 4.34 3.87 17.42
C LYS A 15 4.50 5.36 17.13
N MET A 16 3.36 6.08 17.20
CA MET A 16 3.25 7.53 17.07
C MET A 16 2.62 8.01 18.38
N LYS A 17 3.02 9.20 18.83
CA LYS A 17 2.43 9.87 19.98
C LYS A 17 0.92 9.86 19.87
N GLY A 18 0.25 9.43 20.94
CA GLY A 18 -1.20 9.55 20.96
C GLY A 18 -1.92 8.44 20.21
N TYR A 19 -1.17 7.50 19.65
CA TYR A 19 -1.84 6.44 18.94
C TYR A 19 -1.33 5.09 19.43
N PRO A 20 -2.17 4.04 19.35
CA PRO A 20 -1.74 2.67 19.73
C PRO A 20 -0.68 2.23 18.72
N HIS A 21 0.16 1.29 19.13
CA HIS A 21 1.12 0.66 18.22
C HIS A 21 0.34 0.12 17.02
N TRP A 22 0.78 0.46 15.77
CA TRP A 22 -0.10 0.46 14.61
C TRP A 22 0.48 -0.46 13.54
N PRO A 23 -0.30 -1.37 12.95
CA PRO A 23 0.24 -2.22 11.88
C PRO A 23 0.78 -1.40 10.70
N ALA A 24 2.00 -1.70 10.27
CA ALA A 24 2.65 -0.86 9.26
C ALA A 24 3.78 -1.61 8.56
N ARG A 25 4.32 -1.00 7.49
CA ARG A 25 5.45 -1.63 6.81
C ARG A 25 6.49 -0.56 6.51
N ILE A 26 7.74 -1.01 6.39
CA ILE A 26 8.77 -0.11 5.85
C ILE A 26 8.55 -0.02 4.34
N ASP A 27 8.36 1.20 3.84
CA ASP A 27 8.12 1.36 2.40
C ASP A 27 9.42 1.57 1.64
N ASP A 28 9.35 1.36 0.31
CA ASP A 28 10.42 1.78 -0.55
C ASP A 28 10.19 3.26 -0.86
N ILE A 29 11.18 3.89 -1.44
CA ILE A 29 11.00 5.28 -1.87
C ILE A 29 11.05 5.20 -3.40
N ALA A 30 9.98 5.65 -4.07
CA ALA A 30 9.93 5.53 -5.53
C ALA A 30 10.93 6.51 -6.13
N ASP A 31 11.45 6.19 -7.32
CA ASP A 31 12.23 7.16 -8.07
C ASP A 31 11.45 8.47 -8.15
N GLY A 32 12.14 9.57 -7.83
CA GLY A 32 11.63 10.92 -7.95
C GLY A 32 10.79 11.35 -6.75
N ALA A 33 10.63 10.44 -5.79
CA ALA A 33 9.81 10.77 -4.61
C ALA A 33 10.66 11.38 -3.49
N VAL A 34 9.95 12.10 -2.59
CA VAL A 34 10.60 12.71 -1.43
C VAL A 34 11.24 11.67 -0.50
N LYS A 35 12.50 11.88 -0.18
CA LYS A 35 13.24 10.98 0.70
C LYS A 35 13.01 11.36 2.16
N PRO A 36 13.16 10.39 3.09
CA PRO A 36 12.97 10.70 4.51
C PRO A 36 14.19 11.47 5.01
N PRO A 37 14.07 12.14 6.16
CA PRO A 37 15.26 12.66 6.85
C PRO A 37 16.28 11.57 7.14
N PRO A 38 17.57 11.91 7.37
CA PRO A 38 18.56 10.92 7.83
C PRO A 38 18.11 10.12 9.06
N ASN A 39 18.44 8.82 9.08
CA ASN A 39 18.18 7.91 10.18
C ASN A 39 16.69 7.63 10.33
N LYS A 40 15.86 8.12 9.39
CA LYS A 40 14.43 7.84 9.45
C LYS A 40 14.05 6.93 8.27
N TYR A 41 12.96 6.19 8.47
CA TYR A 41 12.42 5.31 7.45
C TYR A 41 11.04 5.79 7.04
N PRO A 42 10.59 5.54 5.79
CA PRO A 42 9.21 5.84 5.42
C PRO A 42 8.32 4.70 5.88
N ILE A 43 7.34 5.04 6.74
CA ILE A 43 6.49 4.00 7.30
C ILE A 43 5.11 4.17 6.69
N PHE A 44 4.60 3.08 6.08
CA PHE A 44 3.25 3.10 5.57
C PHE A 44 2.37 2.38 6.57
N PHE A 45 1.33 3.08 7.00
CA PHE A 45 0.40 2.59 8.03
C PHE A 45 -0.78 1.92 7.33
N PHE A 46 -0.98 0.64 7.67
CA PHE A 46 -2.07 -0.10 7.05
C PHE A 46 -3.38 0.47 7.60
N GLY A 47 -4.45 0.35 6.80
CA GLY A 47 -5.77 0.80 7.21
C GLY A 47 -5.97 2.28 6.88
N THR A 48 -5.21 3.18 7.54
CA THR A 48 -5.27 4.60 7.21
C THR A 48 -4.60 4.87 5.85
N HIS A 49 -3.56 4.07 5.54
CA HIS A 49 -2.77 4.26 4.32
C HIS A 49 -1.98 5.57 4.37
N GLU A 50 -1.67 6.06 5.58
CA GLU A 50 -0.85 7.26 5.72
C GLU A 50 0.63 6.89 5.83
N THR A 51 1.50 7.89 5.56
CA THR A 51 2.93 7.69 5.67
C THR A 51 3.46 8.70 6.67
N ALA A 52 4.37 8.25 7.55
CA ALA A 52 5.16 9.12 8.41
C ALA A 52 6.59 8.62 8.38
N PHE A 53 7.53 9.47 8.86
CA PHE A 53 8.91 9.09 8.95
C PHE A 53 9.25 8.81 10.40
N LEU A 54 9.83 7.62 10.66
CA LEU A 54 10.09 7.19 12.01
C LEU A 54 11.47 6.57 12.08
N GLY A 55 12.06 6.62 13.28
CA GLY A 55 13.30 5.89 13.47
C GLY A 55 13.02 4.56 14.19
N PRO A 56 14.04 3.71 14.30
CA PRO A 56 13.88 2.38 14.90
C PRO A 56 13.30 2.31 16.30
N LYS A 57 13.48 3.40 17.10
CA LYS A 57 12.93 3.35 18.45
C LYS A 57 11.40 3.20 18.48
N ASP A 58 10.72 3.52 17.36
CA ASP A 58 9.27 3.48 17.34
C ASP A 58 8.81 2.28 16.48
N LEU A 59 9.74 1.40 16.08
CA LEU A 59 9.42 0.29 15.15
C LEU A 59 9.59 -1.08 15.84
N PHE A 60 8.47 -1.83 15.93
CA PHE A 60 8.47 -3.11 16.63
C PHE A 60 8.25 -4.25 15.62
N PRO A 61 9.19 -5.17 15.40
CA PRO A 61 8.99 -6.19 14.36
C PRO A 61 7.70 -6.97 14.59
N TYR A 62 6.95 -7.22 13.49
CA TYR A 62 5.57 -7.68 13.56
C TYR A 62 5.46 -9.09 14.17
N ASP A 63 6.38 -9.97 13.81
CA ASP A 63 6.28 -11.36 14.27
C ASP A 63 6.37 -11.41 15.80
N LYS A 64 7.41 -10.77 16.33
CA LYS A 64 7.66 -10.71 17.78
C LYS A 64 6.53 -10.02 18.52
N SER A 65 5.90 -9.00 17.92
CA SER A 65 4.98 -8.11 18.62
C SER A 65 3.49 -8.38 18.43
N LYS A 66 3.11 -9.28 17.52
CA LYS A 66 1.70 -9.33 17.14
C LYS A 66 0.79 -9.84 18.26
N ASP A 67 1.33 -10.74 19.10
N ASP A 67 1.31 -10.75 19.09
CA ASP A 67 0.55 -11.27 20.22
CA ASP A 67 0.52 -11.23 20.22
C ASP A 67 0.14 -10.12 21.15
C ASP A 67 0.07 -10.04 21.07
N LYS A 68 1.01 -9.12 21.32
CA LYS A 68 0.73 -8.00 22.20
C LYS A 68 -0.12 -6.93 21.51
N TYR A 69 0.19 -6.61 20.24
CA TYR A 69 -0.37 -5.41 19.67
C TYR A 69 -1.43 -5.69 18.59
N GLY A 70 -1.58 -6.94 18.16
CA GLY A 70 -2.46 -7.26 17.03
C GLY A 70 -3.88 -7.63 17.49
N LYS A 71 -4.51 -6.73 18.20
CA LYS A 71 -5.84 -6.95 18.73
C LYS A 71 -6.69 -5.80 18.24
N PRO A 72 -8.00 -5.99 18.01
CA PRO A 72 -8.83 -4.89 17.50
C PRO A 72 -8.80 -3.63 18.36
N ASN A 73 -8.95 -2.47 17.71
CA ASN A 73 -8.88 -1.20 18.39
C ASN A 73 -9.97 -0.33 17.81
N LYS A 74 -10.56 0.52 18.65
CA LYS A 74 -11.65 1.38 18.24
C LYS A 74 -11.21 2.37 17.17
N ARG A 75 -9.90 2.63 17.04
CA ARG A 75 -9.44 3.75 16.23
C ARG A 75 -9.73 3.56 14.73
N LYS A 76 -10.02 4.68 14.06
CA LYS A 76 -10.35 4.70 12.65
C LYS A 76 -9.23 4.04 11.85
N GLY A 77 -9.60 2.97 11.12
CA GLY A 77 -8.67 2.38 10.17
C GLY A 77 -7.89 1.21 10.78
N PHE A 78 -7.93 1.07 12.11
CA PHE A 78 -7.07 0.11 12.77
C PHE A 78 -7.39 -1.34 12.36
N ASN A 79 -8.67 -1.73 12.39
CA ASN A 79 -9.02 -3.13 12.15
C ASN A 79 -8.85 -3.49 10.67
N GLU A 80 -9.08 -2.53 9.78
CA GLU A 80 -8.76 -2.69 8.37
C GLU A 80 -7.25 -2.95 8.27
N GLY A 81 -6.49 -2.17 9.05
CA GLY A 81 -5.03 -2.36 9.02
C GLY A 81 -4.61 -3.74 9.51
N LEU A 82 -5.26 -4.29 10.56
CA LEU A 82 -4.95 -5.65 10.96
C LEU A 82 -5.18 -6.64 9.82
N TRP A 83 -6.24 -6.43 9.02
CA TRP A 83 -6.53 -7.40 7.97
C TRP A 83 -5.41 -7.32 6.94
N GLU A 84 -5.01 -6.07 6.62
CA GLU A 84 -4.06 -5.85 5.56
C GLU A 84 -2.72 -6.46 5.93
N ILE A 85 -2.26 -6.24 7.17
CA ILE A 85 -0.91 -6.71 7.49
C ILE A 85 -0.88 -8.25 7.52
N GLN A 86 -2.02 -8.88 7.83
CA GLN A 86 -2.05 -10.34 7.92
C GLN A 86 -2.29 -10.99 6.56
N ASN A 87 -3.08 -10.32 5.71
CA ASN A 87 -3.60 -10.97 4.49
C ASN A 87 -2.99 -10.49 3.18
N ASN A 88 -2.51 -9.23 3.11
CA ASN A 88 -1.86 -8.77 1.87
C ASN A 88 -0.92 -7.59 2.19
N PRO A 89 0.12 -7.85 3.01
CA PRO A 89 0.94 -6.75 3.51
C PRO A 89 1.82 -6.12 2.45
N HIS A 90 2.00 -6.79 1.28
CA HIS A 90 2.92 -6.23 0.29
C HIS A 90 2.18 -5.74 -0.96
N ALA A 91 0.88 -5.48 -0.84
CA ALA A 91 0.12 -5.05 -2.00
C ALA A 91 0.30 -3.55 -2.19
N SER A 92 -0.17 -3.11 -3.36
CA SER A 92 -0.30 -1.69 -3.65
C SER A 92 -1.60 -1.20 -3.04
N TYR A 93 -1.51 -0.19 -2.15
CA TYR A 93 -2.68 0.40 -1.53
C TYR A 93 -2.87 1.84 -2.00
N SER A 94 -2.16 2.22 -3.07
CA SER A 94 -2.38 3.48 -3.76
C SER A 94 -3.80 3.49 -4.36
N MET B 2 15.73 12.76 -40.26
CA MET B 2 15.57 14.23 -40.48
C MET B 2 15.91 14.95 -39.18
N PRO B 3 16.83 15.94 -39.19
CA PRO B 3 17.17 16.70 -37.97
C PRO B 3 15.91 17.33 -37.39
N HIS B 4 15.87 17.48 -36.05
CA HIS B 4 14.74 18.09 -35.36
C HIS B 4 15.26 19.24 -34.49
N ALA B 5 14.33 19.98 -33.86
CA ALA B 5 14.77 21.07 -32.99
C ALA B 5 15.72 20.51 -31.95
N PHE B 6 15.38 19.32 -31.42
CA PHE B 6 16.22 18.58 -30.49
C PHE B 6 16.85 17.39 -31.21
N LYS B 7 18.15 17.19 -30.94
CA LYS B 7 18.87 16.06 -31.50
C LYS B 7 19.34 15.15 -30.36
N PRO B 8 19.54 13.84 -30.65
CA PRO B 8 20.13 12.88 -29.69
C PRO B 8 21.39 13.43 -29.06
N GLY B 9 21.47 13.34 -27.73
CA GLY B 9 22.61 13.81 -26.95
C GLY B 9 22.43 15.21 -26.37
N ASP B 10 21.41 15.94 -26.87
CA ASP B 10 21.11 17.24 -26.29
C ASP B 10 20.69 17.09 -24.81
N LEU B 11 21.21 17.98 -23.98
CA LEU B 11 21.00 17.93 -22.54
C LEU B 11 19.85 18.88 -22.24
N VAL B 12 18.97 18.48 -21.29
CA VAL B 12 17.78 19.28 -20.99
C VAL B 12 17.45 19.13 -19.51
N PHE B 13 16.51 19.96 -19.04
CA PHE B 13 15.68 19.55 -17.92
C PHE B 13 14.33 19.17 -18.49
N ALA B 14 13.76 18.05 -18.02
CA ALA B 14 12.46 17.61 -18.49
C ALA B 14 11.44 17.72 -17.35
N LYS B 15 10.24 18.15 -17.71
CA LYS B 15 9.25 18.43 -16.68
C LYS B 15 8.10 17.43 -16.79
N MET B 16 7.81 16.79 -15.66
CA MET B 16 6.63 15.92 -15.51
C MET B 16 5.75 16.40 -14.35
N LYS B 17 4.43 16.24 -14.50
CA LYS B 17 3.54 16.64 -13.42
C LYS B 17 3.92 15.90 -12.13
N GLY B 18 4.04 16.64 -11.02
CA GLY B 18 4.38 16.06 -9.73
C GLY B 18 5.88 16.07 -9.43
N TYR B 19 6.72 16.48 -10.40
CA TYR B 19 8.16 16.40 -10.13
C TYR B 19 8.85 17.70 -10.52
N PRO B 20 10.03 18.03 -9.92
CA PRO B 20 10.79 19.22 -10.32
C PRO B 20 11.37 19.00 -11.73
N HIS B 21 11.63 20.09 -12.46
CA HIS B 21 12.38 20.01 -13.72
C HIS B 21 13.61 19.10 -13.52
N TRP B 22 13.76 18.10 -14.39
CA TRP B 22 14.63 16.97 -14.01
C TRP B 22 15.78 16.89 -15.00
N PRO B 23 17.06 16.73 -14.57
CA PRO B 23 18.17 16.63 -15.53
C PRO B 23 18.01 15.41 -16.43
N ALA B 24 18.16 15.61 -17.73
CA ALA B 24 17.82 14.55 -18.66
C ALA B 24 18.55 14.78 -19.98
N ARG B 25 18.46 13.77 -20.84
CA ARG B 25 18.98 13.89 -22.20
C ARG B 25 17.96 13.37 -23.22
N ILE B 26 18.09 13.87 -24.46
CA ILE B 26 17.39 13.27 -25.58
C ILE B 26 18.15 12.02 -25.98
N ASP B 27 17.43 10.90 -26.10
CA ASP B 27 18.05 9.65 -26.54
C ASP B 27 17.81 9.40 -28.03
N ASP B 28 18.51 8.39 -28.58
N ASP B 28 18.51 8.41 -28.62
CA ASP B 28 18.33 7.91 -29.94
CA ASP B 28 18.31 8.01 -30.01
C ASP B 28 17.06 7.04 -30.02
C ASP B 28 17.43 6.74 -30.08
N ILE B 29 16.77 6.54 -31.23
CA ILE B 29 15.75 5.49 -31.39
C ILE B 29 16.38 4.30 -32.14
N LYS B 35 8.84 3.60 -31.38
CA LYS B 35 9.08 5.01 -31.81
C LYS B 35 8.18 5.96 -31.01
N PRO B 36 8.64 7.20 -30.67
CA PRO B 36 7.82 8.14 -29.90
C PRO B 36 6.47 8.44 -30.56
N PRO B 37 5.41 8.83 -29.80
CA PRO B 37 4.19 9.30 -30.43
C PRO B 37 4.57 10.54 -31.25
N PRO B 38 3.68 11.05 -32.13
CA PRO B 38 3.97 12.28 -32.89
C PRO B 38 4.41 13.45 -32.00
N ASN B 39 5.41 14.20 -32.47
CA ASN B 39 5.85 15.44 -31.83
C ASN B 39 6.65 15.23 -30.53
N LYS B 40 6.89 13.98 -30.11
CA LYS B 40 7.59 13.72 -28.86
C LYS B 40 8.95 13.08 -29.10
N TYR B 41 9.78 13.08 -28.05
CA TYR B 41 11.18 12.66 -28.08
C TYR B 41 11.37 11.61 -27.01
N PRO B 42 12.32 10.65 -27.22
CA PRO B 42 12.69 9.75 -26.15
C PRO B 42 13.61 10.47 -25.16
N ILE B 43 13.17 10.51 -23.89
CA ILE B 43 13.91 11.17 -22.80
C ILE B 43 14.53 10.12 -21.87
N PHE B 44 15.78 10.34 -21.46
CA PHE B 44 16.41 9.55 -20.41
C PHE B 44 16.64 10.50 -19.24
N PHE B 45 16.15 10.14 -18.05
CA PHE B 45 16.28 10.94 -16.85
C PHE B 45 17.50 10.46 -16.09
N PHE B 46 18.45 11.37 -15.91
CA PHE B 46 19.66 11.09 -15.17
C PHE B 46 19.31 10.76 -13.71
N GLY B 47 20.17 9.95 -13.09
CA GLY B 47 19.97 9.66 -11.67
C GLY B 47 19.07 8.43 -11.48
N THR B 48 17.82 8.53 -11.92
CA THR B 48 16.86 7.44 -11.85
C THR B 48 17.06 6.46 -13.00
N HIS B 49 17.54 6.97 -14.14
CA HIS B 49 17.68 6.22 -15.37
C HIS B 49 16.32 5.77 -15.88
N GLU B 50 15.25 6.49 -15.51
CA GLU B 50 13.95 6.18 -16.10
C GLU B 50 13.89 6.78 -17.51
N THR B 51 12.86 6.38 -18.26
CA THR B 51 12.63 6.88 -19.61
C THR B 51 11.17 7.27 -19.78
N ALA B 52 10.92 8.22 -20.70
CA ALA B 52 9.58 8.59 -21.12
C ALA B 52 9.63 9.26 -22.49
N PHE B 53 8.44 9.47 -23.04
CA PHE B 53 8.25 10.27 -24.25
C PHE B 53 7.68 11.63 -23.86
N LEU B 54 8.40 12.71 -24.19
CA LEU B 54 7.96 14.06 -23.87
C LEU B 54 8.00 14.94 -25.11
N GLY B 55 7.08 15.93 -25.13
CA GLY B 55 7.03 16.96 -26.15
C GLY B 55 7.85 18.19 -25.78
N PRO B 56 8.20 19.08 -26.75
CA PRO B 56 8.97 20.27 -26.45
C PRO B 56 8.47 21.20 -25.35
N LYS B 57 7.16 21.24 -25.09
CA LYS B 57 6.67 22.17 -24.08
C LYS B 57 7.26 21.83 -22.70
N ASP B 58 7.74 20.57 -22.57
CA ASP B 58 8.24 20.07 -21.29
C ASP B 58 9.76 19.87 -21.32
N LEU B 59 10.44 20.45 -22.34
CA LEU B 59 11.87 20.24 -22.48
C LEU B 59 12.57 21.59 -22.50
N PHE B 60 13.47 21.75 -21.54
CA PHE B 60 14.16 23.02 -21.32
C PHE B 60 15.64 22.81 -21.60
N PRO B 61 16.21 23.40 -22.67
CA PRO B 61 17.67 23.26 -22.89
C PRO B 61 18.53 23.53 -21.65
N TYR B 62 19.52 22.63 -21.38
CA TYR B 62 20.22 22.60 -20.11
C TYR B 62 21.06 23.84 -19.84
N ASP B 63 21.86 24.26 -20.84
CA ASP B 63 22.71 25.43 -20.74
C ASP B 63 21.87 26.66 -20.36
N LYS B 64 20.80 26.88 -21.11
CA LYS B 64 19.94 28.02 -20.82
C LYS B 64 19.41 27.95 -19.39
N SER B 65 19.09 26.75 -18.91
CA SER B 65 18.19 26.72 -17.75
C SER B 65 18.82 26.17 -16.46
N LYS B 66 20.13 25.87 -16.46
CA LYS B 66 20.71 25.17 -15.33
C LYS B 66 20.83 26.02 -14.06
N ASP B 67 20.97 27.33 -14.20
CA ASP B 67 21.09 28.07 -12.96
C ASP B 67 19.74 28.09 -12.24
N LYS B 68 18.65 28.02 -13.01
CA LYS B 68 17.30 28.07 -12.46
C LYS B 68 16.87 26.70 -11.93
N TYR B 69 17.10 25.62 -12.71
CA TYR B 69 16.57 24.29 -12.37
C TYR B 69 17.61 23.35 -11.77
N GLY B 70 18.91 23.68 -11.87
CA GLY B 70 19.93 22.73 -11.50
C GLY B 70 20.37 22.82 -10.02
N LYS B 71 19.44 23.04 -9.09
CA LYS B 71 19.80 23.10 -7.69
C LYS B 71 19.42 21.78 -7.03
N PRO B 72 20.21 21.29 -6.06
CA PRO B 72 19.86 20.06 -5.34
C PRO B 72 18.51 20.12 -4.60
N ASN B 73 17.88 18.94 -4.49
CA ASN B 73 16.66 18.84 -3.71
C ASN B 73 16.67 17.46 -3.04
N LYS B 74 15.57 17.14 -2.37
CA LYS B 74 15.48 15.85 -1.68
C LYS B 74 14.64 14.81 -2.43
N ARG B 75 14.44 14.96 -3.75
CA ARG B 75 13.82 13.89 -4.51
C ARG B 75 14.84 12.78 -4.79
N LYS B 76 14.43 11.51 -4.60
CA LYS B 76 15.27 10.36 -4.88
C LYS B 76 15.77 10.37 -6.34
N GLY B 77 17.11 10.35 -6.43
CA GLY B 77 17.83 10.27 -7.70
C GLY B 77 18.18 11.64 -8.28
N PHE B 78 17.56 12.71 -7.78
CA PHE B 78 17.85 14.03 -8.35
C PHE B 78 19.32 14.43 -8.26
N ASN B 79 19.94 14.36 -7.07
CA ASN B 79 21.31 14.85 -6.92
C ASN B 79 22.26 13.93 -7.71
N GLU B 80 21.96 12.63 -7.79
CA GLU B 80 22.78 11.75 -8.61
C GLU B 80 22.67 12.20 -10.07
N GLY B 81 21.46 12.63 -10.47
CA GLY B 81 21.18 13.05 -11.83
C GLY B 81 21.95 14.33 -12.17
N LEU B 82 22.04 15.23 -11.19
CA LEU B 82 22.85 16.45 -11.36
C LEU B 82 24.31 16.05 -11.59
N TRP B 83 24.76 15.04 -10.84
CA TRP B 83 26.13 14.55 -11.01
C TRP B 83 26.36 14.04 -12.44
N GLU B 84 25.44 13.19 -12.92
CA GLU B 84 25.57 12.54 -14.23
C GLU B 84 25.53 13.57 -15.38
N ILE B 85 24.61 14.54 -15.31
CA ILE B 85 24.48 15.45 -16.46
C ILE B 85 25.73 16.31 -16.58
N GLN B 86 26.38 16.56 -15.43
CA GLN B 86 27.56 17.41 -15.32
C GLN B 86 28.81 16.62 -15.73
N ASN B 87 28.90 15.35 -15.30
CA ASN B 87 30.24 14.71 -15.37
C ASN B 87 30.33 13.61 -16.42
N ASN B 88 29.21 13.03 -16.86
CA ASN B 88 29.24 11.96 -17.85
C ASN B 88 27.87 11.82 -18.49
N PRO B 89 27.38 12.91 -19.14
CA PRO B 89 26.02 12.89 -19.69
C PRO B 89 25.76 11.93 -20.83
N HIS B 90 26.85 11.44 -21.50
CA HIS B 90 26.66 10.64 -22.69
C HIS B 90 27.02 9.18 -22.45
N ALA B 91 27.21 8.81 -21.18
CA ALA B 91 27.52 7.42 -20.86
C ALA B 91 26.34 6.48 -21.11
N SER B 92 26.68 5.17 -21.24
CA SER B 92 25.74 4.08 -21.11
C SER B 92 25.43 3.88 -19.62
N TYR B 93 24.14 3.99 -19.27
CA TYR B 93 23.60 3.74 -17.95
C TYR B 93 22.78 2.45 -18.02
N SER B 94 23.14 1.61 -18.99
CA SER B 94 22.61 0.26 -19.17
C SER B 94 22.97 -0.61 -17.95
N HIS C 4 -25.49 -27.98 0.91
CA HIS C 4 -24.39 -28.26 1.86
C HIS C 4 -24.98 -28.74 3.19
N ALA C 5 -24.21 -28.57 4.29
CA ALA C 5 -24.71 -28.78 5.64
C ALA C 5 -23.85 -28.03 6.65
N PHE C 6 -24.51 -27.55 7.70
CA PHE C 6 -23.87 -26.70 8.68
C PHE C 6 -24.22 -27.21 10.07
N LYS C 7 -23.21 -27.57 10.87
CA LYS C 7 -23.44 -27.91 12.28
C LYS C 7 -23.05 -26.67 13.09
N PRO C 8 -23.47 -26.56 14.37
CA PRO C 8 -23.04 -25.44 15.22
C PRO C 8 -21.52 -25.36 15.25
N GLY C 9 -20.98 -24.16 15.01
CA GLY C 9 -19.55 -23.91 15.10
C GLY C 9 -18.89 -23.67 13.74
N ASP C 10 -19.51 -24.15 12.65
CA ASP C 10 -19.07 -23.95 11.28
C ASP C 10 -18.98 -22.47 10.94
N LEU C 11 -17.85 -22.07 10.34
CA LEU C 11 -17.57 -20.68 10.01
C LEU C 11 -18.08 -20.37 8.61
N VAL C 12 -18.77 -19.22 8.45
CA VAL C 12 -19.39 -18.90 7.17
C VAL C 12 -19.28 -17.39 6.91
N PHE C 13 -19.58 -17.00 5.66
CA PHE C 13 -20.14 -15.69 5.31
C PHE C 13 -21.66 -15.79 5.16
N ALA C 14 -22.39 -14.84 5.78
CA ALA C 14 -23.83 -14.89 5.86
C ALA C 14 -24.38 -13.63 5.19
N LYS C 15 -25.32 -13.83 4.25
CA LYS C 15 -25.83 -12.71 3.47
C LYS C 15 -27.25 -12.39 3.91
N MET C 16 -27.46 -11.13 4.33
CA MET C 16 -28.80 -10.61 4.57
C MET C 16 -29.03 -9.47 3.60
N LYS C 17 -30.31 -9.24 3.26
CA LYS C 17 -30.63 -8.10 2.40
C LYS C 17 -30.24 -6.83 3.16
N GLY C 18 -29.52 -5.96 2.45
CA GLY C 18 -29.17 -4.68 3.05
C GLY C 18 -27.72 -4.65 3.52
N TYR C 19 -27.02 -5.80 3.46
CA TYR C 19 -25.70 -5.92 4.09
C TYR C 19 -24.78 -6.76 3.23
N PRO C 20 -23.47 -6.50 3.25
CA PRO C 20 -22.52 -7.31 2.47
C PRO C 20 -22.44 -8.69 3.10
N HIS C 21 -21.86 -9.63 2.35
CA HIS C 21 -21.60 -10.96 2.91
C HIS C 21 -20.74 -10.83 4.17
N TRP C 22 -21.20 -11.41 5.29
CA TRP C 22 -20.69 -11.00 6.59
C TRP C 22 -20.03 -12.17 7.30
N PRO C 23 -18.86 -12.01 7.96
CA PRO C 23 -18.25 -13.13 8.65
C PRO C 23 -19.12 -13.55 9.85
N ALA C 24 -19.32 -14.86 9.99
CA ALA C 24 -20.33 -15.36 10.91
C ALA C 24 -20.02 -16.81 11.28
N ARG C 25 -20.73 -17.35 12.28
CA ARG C 25 -20.71 -18.79 12.45
C ARG C 25 -22.12 -19.30 12.73
N ILE C 26 -22.29 -20.60 12.50
CA ILE C 26 -23.48 -21.36 12.86
C ILE C 26 -23.46 -21.59 14.36
N ASP C 27 -24.52 -21.18 15.04
CA ASP C 27 -24.72 -21.43 16.46
C ASP C 27 -25.57 -22.67 16.68
N ASP C 28 -25.54 -23.20 17.92
CA ASP C 28 -26.50 -24.20 18.37
C ASP C 28 -27.68 -23.45 18.97
N ILE C 29 -28.84 -24.12 19.04
CA ILE C 29 -30.01 -23.60 19.74
C ILE C 29 -30.17 -24.37 21.04
N ALA C 30 -30.38 -23.64 22.16
CA ALA C 30 -30.69 -24.25 23.45
C ALA C 30 -31.89 -25.20 23.34
N LYS C 35 -37.73 -21.85 18.65
CA LYS C 35 -37.17 -22.70 17.56
C LYS C 35 -37.03 -21.85 16.30
N PRO C 36 -36.04 -22.14 15.41
CA PRO C 36 -35.91 -21.37 14.18
C PRO C 36 -37.20 -21.44 13.35
N PRO C 37 -37.42 -20.51 12.42
CA PRO C 37 -38.41 -20.76 11.37
C PRO C 37 -37.94 -22.03 10.66
N PRO C 38 -38.86 -22.74 9.97
CA PRO C 38 -38.51 -23.89 9.15
C PRO C 38 -37.28 -23.68 8.28
N ASN C 39 -36.31 -24.60 8.41
CA ASN C 39 -35.17 -24.70 7.53
C ASN C 39 -34.24 -23.49 7.71
N LYS C 40 -34.26 -22.84 8.88
CA LYS C 40 -33.31 -21.77 9.10
C LYS C 40 -32.31 -22.13 10.19
N TYR C 41 -31.10 -21.57 10.08
CA TYR C 41 -30.01 -21.80 11.03
C TYR C 41 -29.88 -20.56 11.91
N PRO C 42 -29.45 -20.74 13.19
CA PRO C 42 -29.12 -19.61 14.06
C PRO C 42 -27.73 -19.16 13.66
N ILE C 43 -27.62 -17.85 13.37
CA ILE C 43 -26.33 -17.30 12.95
C ILE C 43 -25.86 -16.32 13.99
N PHE C 44 -24.54 -16.37 14.26
CA PHE C 44 -23.92 -15.30 15.03
C PHE C 44 -22.93 -14.57 14.13
N PHE C 45 -23.04 -13.23 14.13
CA PHE C 45 -22.26 -12.39 13.25
C PHE C 45 -21.06 -11.88 14.01
N PHE C 46 -19.85 -12.15 13.48
CA PHE C 46 -18.69 -11.58 14.14
C PHE C 46 -18.67 -10.06 14.03
N GLY C 47 -17.94 -9.41 14.94
CA GLY C 47 -17.78 -7.97 14.85
C GLY C 47 -18.95 -7.26 15.52
N THR C 48 -20.17 -7.39 14.97
CA THR C 48 -21.35 -6.84 15.62
C THR C 48 -21.80 -7.69 16.80
N HIS C 49 -21.53 -9.00 16.77
CA HIS C 49 -22.00 -9.92 17.80
C HIS C 49 -23.53 -10.05 17.85
N GLU C 50 -24.21 -9.76 16.73
CA GLU C 50 -25.66 -9.92 16.65
C GLU C 50 -26.04 -11.32 16.15
N THR C 51 -27.33 -11.67 16.27
CA THR C 51 -27.83 -12.97 15.80
C THR C 51 -29.03 -12.75 14.89
N ALA C 52 -29.26 -13.73 14.01
CA ALA C 52 -30.41 -13.80 13.12
C ALA C 52 -30.61 -15.26 12.70
N PHE C 53 -31.73 -15.55 12.04
CA PHE C 53 -31.99 -16.88 11.48
C PHE C 53 -31.87 -16.76 9.97
N LEU C 54 -31.11 -17.64 9.33
CA LEU C 54 -30.92 -17.55 7.88
C LEU C 54 -31.02 -18.94 7.26
N GLY C 55 -31.49 -19.00 6.02
CA GLY C 55 -31.53 -20.25 5.28
C GLY C 55 -30.23 -20.55 4.55
N PRO C 56 -30.07 -21.79 4.04
CA PRO C 56 -28.82 -22.19 3.40
C PRO C 56 -28.47 -21.39 2.15
N LYS C 57 -29.48 -20.86 1.46
CA LYS C 57 -29.23 -20.03 0.30
C LYS C 57 -28.32 -18.85 0.68
N ASP C 58 -28.39 -18.44 1.95
CA ASP C 58 -27.76 -17.21 2.42
C ASP C 58 -26.38 -17.44 3.02
N LEU C 59 -25.88 -18.67 2.98
CA LEU C 59 -24.71 -19.05 3.77
C LEU C 59 -23.62 -19.61 2.85
N PHE C 60 -22.36 -19.22 3.11
CA PHE C 60 -21.19 -19.60 2.30
C PHE C 60 -20.09 -20.13 3.23
N PRO C 61 -19.60 -21.38 3.06
CA PRO C 61 -18.51 -21.87 3.92
C PRO C 61 -17.30 -20.95 3.83
N TYR C 62 -16.72 -20.67 5.00
CA TYR C 62 -15.71 -19.63 5.16
C TYR C 62 -14.49 -19.94 4.30
N ASP C 63 -13.92 -21.14 4.49
CA ASP C 63 -12.68 -21.49 3.80
C ASP C 63 -12.86 -21.45 2.29
N LYS C 64 -14.03 -21.88 1.82
CA LYS C 64 -14.30 -21.96 0.39
C LYS C 64 -14.46 -20.55 -0.19
N SER C 65 -14.94 -19.58 0.62
CA SER C 65 -15.35 -18.31 0.01
C SER C 65 -14.58 -17.08 0.53
N LYS C 66 -13.64 -17.28 1.46
CA LYS C 66 -12.96 -16.10 2.02
C LYS C 66 -12.19 -15.31 0.95
N ASP C 67 -11.61 -16.00 -0.04
CA ASP C 67 -10.85 -15.30 -1.07
C ASP C 67 -11.73 -14.24 -1.74
N LYS C 68 -13.05 -14.50 -1.80
CA LYS C 68 -14.01 -13.59 -2.40
C LYS C 68 -14.67 -12.65 -1.38
N TYR C 69 -15.06 -13.15 -0.20
CA TYR C 69 -15.82 -12.26 0.68
C TYR C 69 -14.97 -11.67 1.81
N GLY C 70 -13.81 -12.30 2.09
CA GLY C 70 -13.02 -11.87 3.23
C GLY C 70 -12.09 -10.74 2.82
N LYS C 71 -12.68 -9.56 2.64
CA LYS C 71 -11.96 -8.37 2.25
C LYS C 71 -12.61 -7.23 3.03
N PRO C 72 -11.85 -6.19 3.41
CA PRO C 72 -12.40 -5.14 4.27
C PRO C 72 -13.55 -4.37 3.64
N ASN C 73 -14.37 -3.85 4.52
CA ASN C 73 -15.28 -2.83 4.05
C ASN C 73 -15.67 -1.96 5.25
N LYS C 74 -16.40 -0.90 4.96
CA LYS C 74 -16.49 0.22 5.90
C LYS C 74 -17.69 0.05 6.81
N ARG C 75 -18.52 -0.98 6.55
CA ARG C 75 -19.72 -1.11 7.38
C ARG C 75 -19.36 -1.35 8.84
N LYS C 76 -20.17 -0.79 9.73
CA LYS C 76 -19.95 -0.86 11.16
C LYS C 76 -19.74 -2.30 11.64
N GLY C 77 -18.55 -2.54 12.20
CA GLY C 77 -18.25 -3.79 12.90
C GLY C 77 -17.59 -4.84 12.00
N PHE C 78 -17.52 -4.57 10.70
CA PHE C 78 -17.19 -5.59 9.72
C PHE C 78 -15.73 -6.02 9.90
N ASN C 79 -14.84 -5.02 10.06
CA ASN C 79 -13.42 -5.34 10.00
C ASN C 79 -12.98 -6.03 11.29
N GLU C 80 -13.60 -5.63 12.38
CA GLU C 80 -13.40 -6.37 13.62
C GLU C 80 -13.90 -7.81 13.46
N GLY C 81 -15.04 -7.97 12.74
CA GLY C 81 -15.54 -9.30 12.43
C GLY C 81 -14.54 -10.15 11.64
N LEU C 82 -13.90 -9.55 10.61
CA LEU C 82 -12.90 -10.29 9.83
C LEU C 82 -11.76 -10.70 10.76
N TRP C 83 -11.43 -9.85 11.74
CA TRP C 83 -10.33 -10.23 12.64
C TRP C 83 -10.76 -11.45 13.46
N GLU C 84 -12.00 -11.41 13.96
CA GLU C 84 -12.53 -12.50 14.79
C GLU C 84 -12.59 -13.85 14.07
N ILE C 85 -13.08 -13.86 12.82
CA ILE C 85 -13.27 -15.11 12.09
C ILE C 85 -11.94 -15.81 11.77
N GLN C 86 -10.90 -15.00 11.53
CA GLN C 86 -9.56 -15.53 11.26
C GLN C 86 -8.79 -15.88 12.53
N ASN C 87 -8.93 -15.08 13.58
CA ASN C 87 -8.02 -15.14 14.71
C ASN C 87 -8.65 -15.77 15.95
N ASN C 88 -9.97 -15.69 16.10
CA ASN C 88 -10.57 -16.12 17.37
C ASN C 88 -11.99 -16.61 17.14
N PRO C 89 -12.21 -17.55 16.19
CA PRO C 89 -13.56 -17.85 15.70
C PRO C 89 -14.53 -18.49 16.70
N HIS C 90 -13.98 -19.02 17.82
CA HIS C 90 -14.79 -19.77 18.77
C HIS C 90 -14.80 -19.17 20.18
N ALA C 91 -14.30 -17.94 20.34
CA ALA C 91 -14.47 -17.22 21.59
C ALA C 91 -15.95 -16.90 21.80
N SER C 92 -16.29 -16.40 23.00
CA SER C 92 -17.67 -16.34 23.46
C SER C 92 -18.39 -15.09 22.96
N TYR C 93 -17.76 -13.92 23.14
CA TYR C 93 -18.35 -12.63 22.80
C TYR C 93 -19.76 -12.52 23.41
S SO4 D . -10.65 8.13 15.95
O1 SO4 D . -11.01 9.04 14.89
O2 SO4 D . -9.33 7.60 15.72
O3 SO4 D . -10.67 8.83 17.21
O4 SO4 D . -11.59 7.04 16.00
S SO4 E . 0.39 7.52 23.93
O1 SO4 E . 1.53 8.27 23.51
O2 SO4 E . 0.80 6.28 24.53
O3 SO4 E . -0.37 8.30 24.88
O4 SO4 E . -0.46 7.24 22.81
C1 EDO F . 0.95 1.92 -0.77
O1 EDO F . 1.04 0.98 -1.84
C2 EDO F . 2.11 2.84 -0.64
O2 EDO F . 3.28 2.16 -0.24
S SO4 G . -11.63 -0.12 10.79
O1 SO4 G . -10.88 -0.20 9.57
O2 SO4 G . -12.04 1.26 10.99
O3 SO4 G . -12.81 -0.96 10.71
O4 SO4 G . -10.78 -0.53 11.88
S SO4 H . 20.37 10.85 -4.78
O1 SO4 H . 20.41 10.99 -6.21
O2 SO4 H . 20.53 12.15 -4.16
O3 SO4 H . 19.10 10.29 -4.29
O4 SO4 H . 21.49 9.98 -4.47
S SO4 I . 3.66 20.19 -10.43
O1 SO4 I . 3.63 18.85 -10.92
O2 SO4 I . 2.78 21.01 -11.26
O3 SO4 I . 3.20 20.24 -9.06
O4 SO4 I . 5.02 20.72 -10.48
N1 A1A3R J . 11.25 9.70 -12.05
C4 A1A3R J . 10.51 10.74 -12.51
C5 A1A3R J . 11.25 11.79 -12.92
C6 A1A3R J . 7.76 8.55 -12.58
C7 A1A3R J . 8.76 7.73 -11.78
C8 A1A3R J . 7.00 7.71 -13.58
CL A1A3R J . 10.63 13.27 -13.49
S A1A3R J . 12.91 11.41 -12.77
N2 A1A3R J . 12.53 9.88 -12.13
C3 A1A3R J . 9.01 10.66 -12.61
N A1A3R J . 8.39 9.60 -13.40
C2 A1A3R J . 9.31 9.12 -14.46
O A1A3R J . 7.88 7.15 -14.54
C1 A1A3R J . 8.68 8.08 -15.35
C A1A3R J . 7.91 8.69 -16.49
S SO4 K . -28.90 -7.52 -2.74
O1 SO4 K . -28.46 -7.80 -4.09
O2 SO4 K . -27.78 -7.14 -1.94
O3 SO4 K . -29.86 -6.45 -2.76
O4 SO4 K . -29.51 -8.71 -2.19
N1 A1A3R L . -25.80 -8.11 12.56
C4 A1A3R L . -26.39 -8.49 11.40
C5 A1A3R L . -25.50 -8.44 10.31
C6 A1A3R L . -29.64 -7.27 11.35
C7 A1A3R L . -29.37 -5.78 11.38
C8 A1A3R L . -31.03 -7.59 11.83
CL A1A3R L . -25.73 -8.85 8.66
S A1A3R L . -24.06 -7.96 10.86
N2 A1A3R L . -24.55 -7.80 12.42
C3 A1A3R L . -27.84 -8.91 11.37
N A1A3R L . -28.69 -8.03 12.17
C2 A1A3R L . -29.34 -8.80 13.24
O A1A3R L . -31.19 -7.27 13.22
C1 A1A3R L . -30.19 -7.86 14.06
C A1A3R L . -30.87 -8.56 15.22
#